data_6CKG
#
_entry.id   6CKG
#
_cell.length_a   85.740
_cell.length_b   87.760
_cell.length_c   103.110
_cell.angle_alpha   90.00
_cell.angle_beta   90.00
_cell.angle_gamma   90.00
#
_symmetry.space_group_name_H-M   'P 21 21 21'
#
loop_
_entity.id
_entity.type
_entity.pdbx_description
1 polymer 'D-glycerate 3-kinase'
2 non-polymer 1,2-ETHANEDIOL
3 water water
#
_entity_poly.entity_id   1
_entity_poly.type   'polypeptide(L)'
_entity_poly.pdbx_seq_one_letter_code
;MAHHHHHHMTATAQIPGGAMVQQTAGFVLSQLARHRSSWNKETMCPPLVVGVQGPQGAGKSHLTGLLPDYLEKHYGLRLA
TMSLDDFYLTHSDQVKLSQSEPDNPLLNGRGPAGTHDLPLLEQCLAKLKSINDRSAKFPTATKDQRAQLPIYDKSLFKGE
GDRSKEVVEVQGPIDVVIFEGWMNGFGPLSNDKLEEKYAEAGRQWPSSSLVGAPGVMPTILLYSRSTLHSINQNLRQYEV
LWDQIDCFVQIQPLDLSYVWTWRLQQEHNMKAKNGGNGMTDEQVRHFINRYMPSYELFQDGIDKETTSWRGKGLRFIVNI
KREIVGTESF
;
_entity_poly.pdbx_strand_id   A,B
#
loop_
_chem_comp.id
_chem_comp.type
_chem_comp.name
_chem_comp.formula
EDO non-polymer 1,2-ETHANEDIOL 'C2 H6 O2'
#
# COMPACT_ATOMS: atom_id res chain seq x y z
N GLY A 17 12.84 0.85 -15.42
CA GLY A 17 12.88 0.33 -16.78
C GLY A 17 11.55 0.35 -17.50
N GLY A 18 10.52 0.82 -16.80
CA GLY A 18 9.16 0.81 -17.33
C GLY A 18 8.86 2.01 -18.21
N ALA A 19 7.57 2.15 -18.55
CA ALA A 19 7.15 3.18 -19.49
C ALA A 19 7.48 4.58 -18.97
N MET A 20 7.22 4.86 -17.69
CA MET A 20 7.49 6.20 -17.17
C MET A 20 8.98 6.52 -17.21
N VAL A 21 9.83 5.56 -16.81
CA VAL A 21 11.27 5.79 -16.84
C VAL A 21 11.74 6.03 -18.27
N GLN A 22 11.32 5.16 -19.20
CA GLN A 22 11.73 5.31 -20.61
C GLN A 22 11.23 6.63 -21.19
N GLN A 23 9.98 6.98 -20.91
CA GLN A 23 9.44 8.21 -21.47
C GLN A 23 10.13 9.42 -20.85
N THR A 24 10.42 9.38 -19.55
CA THR A 24 11.14 10.50 -18.92
C THR A 24 12.55 10.62 -19.48
N ALA A 25 13.20 9.49 -19.75
CA ALA A 25 14.52 9.51 -20.36
C ALA A 25 14.49 10.17 -21.72
N GLY A 26 13.51 9.81 -22.56
CA GLY A 26 13.40 10.44 -23.87
C GLY A 26 13.28 11.95 -23.75
N PHE A 27 12.47 12.42 -22.80
CA PHE A 27 12.27 13.85 -22.54
C PHE A 27 13.55 14.51 -22.01
N VAL A 28 14.23 13.88 -21.05
CA VAL A 28 15.50 14.43 -20.58
C VAL A 28 16.52 14.53 -21.71
N LEU A 29 16.62 13.48 -22.54
CA LEU A 29 17.60 13.51 -23.63
C LEU A 29 17.28 14.61 -24.64
N SER A 30 15.99 14.80 -24.97
CA SER A 30 15.62 15.85 -25.91
CA SER A 30 15.65 15.85 -25.92
C SER A 30 15.84 17.23 -25.31
N GLN A 31 15.50 17.40 -24.02
CA GLN A 31 15.73 18.68 -23.35
C GLN A 31 17.22 18.97 -23.22
N LEU A 32 18.02 17.95 -22.97
CA LEU A 32 19.47 18.14 -22.91
C LEU A 32 20.01 18.62 -24.26
N ALA A 33 19.52 18.03 -25.36
CA ALA A 33 19.99 18.45 -26.68
C ALA A 33 19.60 19.89 -26.99
N ARG A 34 18.37 20.29 -26.63
CA ARG A 34 17.96 21.68 -26.82
C ARG A 34 18.84 22.62 -25.98
N HIS A 35 19.01 22.28 -24.70
CA HIS A 35 19.88 23.02 -23.80
C HIS A 35 21.27 23.23 -24.39
N ARG A 36 21.87 22.16 -24.92
CA ARG A 36 23.22 22.24 -25.49
C ARG A 36 23.24 23.08 -26.77
N SER A 37 22.17 22.99 -27.59
CA SER A 37 22.09 23.82 -28.80
C SER A 37 21.90 25.28 -28.45
N SER A 38 21.14 25.56 -27.40
CA SER A 38 20.77 26.92 -27.02
C SER A 38 21.87 27.67 -26.30
N TRP A 39 22.84 26.95 -25.71
CA TRP A 39 23.82 27.58 -24.85
C TRP A 39 24.69 28.55 -25.65
N ASN A 40 24.56 29.84 -25.36
CA ASN A 40 25.21 30.88 -26.15
C ASN A 40 26.19 31.69 -25.32
N LYS A 41 27.10 31.01 -24.62
CA LYS A 41 28.12 31.66 -23.83
C LYS A 41 29.46 30.97 -24.05
N GLU A 42 30.53 31.65 -23.64
CA GLU A 42 31.88 31.14 -23.84
C GLU A 42 32.26 30.09 -22.80
N THR A 43 31.62 30.09 -21.62
CA THR A 43 31.85 29.07 -20.63
C THR A 43 31.23 27.75 -21.06
N MET A 44 31.61 26.68 -20.36
CA MET A 44 31.06 25.36 -20.62
C MET A 44 29.55 25.34 -20.36
N CYS A 45 28.85 24.47 -21.10
CA CYS A 45 27.42 24.35 -20.88
C CYS A 45 27.14 23.77 -19.49
N PRO A 46 26.29 24.40 -18.70
CA PRO A 46 25.97 23.89 -17.37
C PRO A 46 25.15 22.61 -17.48
N PRO A 47 25.04 21.85 -16.39
CA PRO A 47 24.07 20.74 -16.37
C PRO A 47 22.67 21.25 -16.66
N LEU A 48 21.88 20.43 -17.35
CA LEU A 48 20.45 20.64 -17.46
C LEU A 48 19.82 20.36 -16.10
N VAL A 49 19.07 21.31 -15.55
CA VAL A 49 18.38 21.11 -14.29
C VAL A 49 16.95 20.66 -14.59
N VAL A 50 16.63 19.43 -14.21
CA VAL A 50 15.30 18.87 -14.37
C VAL A 50 14.61 18.91 -13.01
N GLY A 51 13.59 19.77 -12.86
CA GLY A 51 12.73 19.69 -11.69
C GLY A 51 11.77 18.52 -11.78
N VAL A 52 11.48 17.90 -10.64
CA VAL A 52 10.57 16.76 -10.59
C VAL A 52 9.64 16.95 -9.40
N GLN A 53 8.33 16.84 -9.63
CA GLN A 53 7.38 16.92 -8.52
C GLN A 53 6.35 15.81 -8.68
N GLY A 54 5.97 15.22 -7.55
CA GLY A 54 5.01 14.16 -7.52
C GLY A 54 4.61 13.89 -6.08
N PRO A 55 3.47 13.25 -5.88
CA PRO A 55 2.91 13.13 -4.53
C PRO A 55 3.60 12.06 -3.71
N GLN A 56 3.36 12.14 -2.40
CA GLN A 56 3.70 11.10 -1.45
C GLN A 56 3.05 9.79 -1.85
N GLY A 57 3.85 8.83 -2.31
CA GLY A 57 3.33 7.54 -2.70
C GLY A 57 3.23 7.33 -4.19
N SER A 61 11.42 0.61 -7.94
CA SER A 61 10.99 1.63 -6.99
C SER A 61 10.12 2.70 -7.65
N HIS A 62 10.65 3.91 -7.75
CA HIS A 62 9.95 5.07 -8.29
C HIS A 62 10.85 5.79 -9.28
N LEU A 63 10.29 6.80 -9.94
CA LEU A 63 10.94 7.42 -11.09
C LEU A 63 12.35 7.90 -10.76
N THR A 64 12.46 8.80 -9.77
CA THR A 64 13.76 9.39 -9.47
C THR A 64 14.72 8.40 -8.80
N GLY A 65 14.24 7.24 -8.37
CA GLY A 65 15.14 6.21 -7.90
C GLY A 65 15.77 5.39 -9.02
N LEU A 66 15.05 5.22 -10.13
CA LEU A 66 15.50 4.43 -11.27
C LEU A 66 16.11 5.27 -12.38
N LEU A 67 15.61 6.49 -12.59
CA LEU A 67 16.01 7.27 -13.75
C LEU A 67 17.50 7.57 -13.80
N PRO A 68 18.18 7.96 -12.70
CA PRO A 68 19.64 8.21 -12.82
C PRO A 68 20.44 7.03 -13.34
N ASP A 69 20.24 5.83 -12.77
CA ASP A 69 21.04 4.68 -13.21
C ASP A 69 20.69 4.28 -14.64
N TYR A 70 19.46 4.57 -15.07
CA TYR A 70 19.05 4.29 -16.44
C TYR A 70 19.78 5.21 -17.42
N LEU A 71 19.82 6.51 -17.12
CA LEU A 71 20.50 7.47 -18.00
C LEU A 71 22.00 7.24 -18.02
N GLU A 72 22.60 6.90 -16.86
CA GLU A 72 24.03 6.67 -16.82
C GLU A 72 24.40 5.40 -17.56
N LYS A 73 23.60 4.35 -17.40
CA LYS A 73 23.97 3.06 -17.97
C LYS A 73 23.69 3.00 -19.46
N HIS A 74 22.51 3.46 -19.89
CA HIS A 74 22.10 3.29 -21.27
C HIS A 74 22.37 4.50 -22.16
N TYR A 75 22.60 5.68 -21.59
CA TYR A 75 22.81 6.87 -22.39
C TYR A 75 24.10 7.61 -22.01
N GLY A 76 24.98 6.98 -21.23
CA GLY A 76 26.29 7.52 -20.94
C GLY A 76 26.30 8.86 -20.25
N LEU A 77 25.21 9.25 -19.60
CA LEU A 77 25.17 10.54 -18.93
C LEU A 77 25.76 10.46 -17.53
N ARG A 78 26.20 11.61 -17.03
CA ARG A 78 26.61 11.76 -15.64
C ARG A 78 25.56 12.61 -14.93
N LEU A 79 25.01 12.07 -13.85
CA LEU A 79 23.89 12.67 -13.15
C LEU A 79 24.26 13.01 -11.72
N ALA A 80 23.60 14.04 -11.21
CA ALA A 80 23.60 14.36 -9.78
C ALA A 80 22.15 14.58 -9.41
N THR A 81 21.78 14.18 -8.18
CA THR A 81 20.40 14.32 -7.72
C THR A 81 20.36 15.15 -6.45
N MET A 82 19.43 16.12 -6.42
CA MET A 82 19.05 16.85 -5.21
C MET A 82 17.61 16.48 -4.85
N SER A 83 17.41 15.98 -3.64
CA SER A 83 16.09 15.70 -3.10
C SER A 83 15.74 16.75 -2.06
N LEU A 84 14.57 17.36 -2.19
CA LEU A 84 14.18 18.46 -1.30
C LEU A 84 14.29 18.07 0.18
N ASP A 85 13.89 16.85 0.53
CA ASP A 85 13.89 16.45 1.94
C ASP A 85 15.29 16.42 2.54
N ASP A 86 16.33 16.23 1.71
CA ASP A 86 17.68 16.24 2.26
C ASP A 86 18.12 17.65 2.65
N PHE A 87 17.32 18.65 2.33
CA PHE A 87 17.62 20.05 2.60
C PHE A 87 16.69 20.65 3.66
N TYR A 88 16.01 19.83 4.45
CA TYR A 88 15.33 20.36 5.63
C TYR A 88 16.32 21.12 6.53
N LEU A 89 15.78 22.08 7.29
CA LEU A 89 16.54 22.74 8.34
C LEU A 89 17.18 21.72 9.26
N THR A 90 18.32 22.09 9.84
CA THR A 90 18.86 21.29 10.93
C THR A 90 17.82 21.25 12.05
N HIS A 91 17.93 20.24 12.93
CA HIS A 91 16.98 20.15 14.03
C HIS A 91 16.98 21.43 14.88
N SER A 92 18.17 21.98 15.15
CA SER A 92 18.26 23.20 15.94
C SER A 92 17.49 24.35 15.29
N ASP A 93 17.67 24.53 13.98
CA ASP A 93 16.98 25.60 13.26
C ASP A 93 15.49 25.35 13.18
N GLN A 94 15.06 24.09 13.03
CA GLN A 94 13.64 23.79 13.01
C GLN A 94 13.00 24.09 14.37
N VAL A 95 13.71 23.78 15.46
CA VAL A 95 13.21 24.11 16.79
C VAL A 95 13.04 25.62 16.92
N LYS A 96 14.02 26.39 16.42
CA LYS A 96 13.90 27.85 16.45
C LYS A 96 12.68 28.31 15.67
N LEU A 97 12.44 27.72 14.50
CA LEU A 97 11.26 28.06 13.70
C LEU A 97 9.98 27.74 14.45
N SER A 98 9.89 26.52 15.02
CA SER A 98 8.69 26.17 15.77
C SER A 98 8.44 27.14 16.91
N GLN A 99 9.51 27.52 17.63
CA GLN A 99 9.36 28.40 18.78
C GLN A 99 8.93 29.80 18.38
N SER A 100 9.29 30.24 17.18
CA SER A 100 8.90 31.57 16.73
C SER A 100 7.48 31.62 16.18
N GLU A 101 6.83 30.47 16.00
CA GLU A 101 5.51 30.39 15.39
C GLU A 101 4.68 29.36 16.14
N PRO A 102 4.48 29.56 17.46
CA PRO A 102 3.91 28.48 18.28
C PRO A 102 2.46 28.15 17.94
N ASP A 103 1.70 29.07 17.37
CA ASP A 103 0.32 28.80 17.01
C ASP A 103 0.17 28.24 15.59
N ASN A 104 1.28 27.94 14.90
CA ASN A 104 1.17 27.40 13.55
C ASN A 104 1.48 25.90 13.59
N PRO A 105 0.46 25.04 13.57
CA PRO A 105 0.73 23.60 13.61
C PRO A 105 1.53 23.08 12.43
N LEU A 106 1.45 23.76 11.28
CA LEU A 106 2.20 23.28 10.12
C LEU A 106 3.70 23.51 10.27
N LEU A 107 4.12 24.48 11.10
CA LEU A 107 5.54 24.74 11.30
C LEU A 107 6.08 24.11 12.57
N ASN A 108 5.34 23.23 13.22
CA ASN A 108 5.82 22.63 14.45
C ASN A 108 6.70 21.43 14.20
N GLY A 109 7.06 21.18 12.94
CA GLY A 109 7.97 20.14 12.53
C GLY A 109 8.21 20.27 11.04
N ARG A 110 9.12 19.42 10.54
CA ARG A 110 9.49 19.47 9.12
C ARG A 110 8.30 19.21 8.21
N GLY A 111 8.40 19.72 6.98
CA GLY A 111 7.46 19.38 5.94
C GLY A 111 7.21 20.51 4.96
N PRO A 112 6.42 21.48 5.38
CA PRO A 112 5.91 22.49 4.45
C PRO A 112 6.92 23.60 4.23
N ALA A 113 6.54 24.52 3.32
CA ALA A 113 7.33 25.71 3.02
C ALA A 113 7.70 26.45 4.29
N GLY A 114 9.00 26.73 4.42
CA GLY A 114 9.58 27.34 5.60
C GLY A 114 10.49 26.40 6.37
N THR A 115 10.32 25.09 6.22
CA THR A 115 11.08 24.11 6.98
C THR A 115 12.32 23.60 6.22
N HIS A 116 12.69 24.25 5.11
CA HIS A 116 13.88 23.89 4.34
C HIS A 116 14.93 24.98 4.48
N ASP A 117 16.18 24.56 4.36
CA ASP A 117 17.32 25.47 4.49
C ASP A 117 17.56 26.07 3.11
N LEU A 118 16.99 27.25 2.89
CA LEU A 118 17.04 27.83 1.55
C LEU A 118 18.45 28.31 1.17
N PRO A 119 19.24 28.91 2.08
CA PRO A 119 20.64 29.19 1.72
C PRO A 119 21.40 27.96 1.22
N LEU A 120 21.20 26.80 1.87
CA LEU A 120 21.92 25.60 1.47
C LEU A 120 21.43 25.07 0.12
N LEU A 121 20.11 25.05 -0.08
CA LEU A 121 19.54 24.72 -1.37
C LEU A 121 20.12 25.58 -2.48
N GLU A 122 20.12 26.91 -2.28
CA GLU A 122 20.64 27.80 -3.30
C GLU A 122 22.13 27.59 -3.50
N GLN A 123 22.90 27.45 -2.42
CA GLN A 123 24.33 27.20 -2.55
C GLN A 123 24.60 25.92 -3.34
N CYS A 124 23.87 24.84 -3.02
CA CYS A 124 24.16 23.57 -3.68
C CYS A 124 23.75 23.59 -5.14
N LEU A 125 22.60 24.19 -5.46
CA LEU A 125 22.19 24.23 -6.85
C LEU A 125 23.11 25.12 -7.67
N ALA A 126 23.56 26.25 -7.11
CA ALA A 126 24.53 27.07 -7.84
C ALA A 126 25.85 26.34 -8.02
N LYS A 127 26.27 25.58 -7.00
CA LYS A 127 27.50 24.80 -7.13
C LYS A 127 27.37 23.76 -8.25
N LEU A 128 26.27 23.01 -8.28
CA LEU A 128 26.09 22.04 -9.34
C LEU A 128 26.05 22.71 -10.71
N LYS A 129 25.42 23.89 -10.79
CA LYS A 129 25.26 24.54 -12.08
C LYS A 129 26.57 25.10 -12.64
N SER A 130 27.57 25.34 -11.79
CA SER A 130 28.89 25.75 -12.25
CA SER A 130 28.89 25.75 -12.23
C SER A 130 29.88 24.60 -12.29
N ILE A 131 29.42 23.36 -12.08
CA ILE A 131 30.37 22.26 -11.91
C ILE A 131 31.09 21.87 -13.21
N ASN A 132 30.59 22.28 -14.38
CA ASN A 132 31.28 21.98 -15.63
C ASN A 132 32.28 23.06 -16.03
N ASP A 133 32.35 24.15 -15.27
CA ASP A 133 33.25 25.25 -15.63
C ASP A 133 34.69 24.80 -15.57
N ARG A 134 35.48 25.24 -16.54
CA ARG A 134 36.90 24.92 -16.58
C ARG A 134 37.72 26.20 -16.51
N ASP A 144 38.22 21.06 -8.23
CA ASP A 144 37.74 22.20 -9.00
C ASP A 144 36.28 22.00 -9.46
N GLN A 145 35.98 20.78 -9.92
CA GLN A 145 34.65 20.47 -10.42
C GLN A 145 33.94 19.49 -9.48
N ARG A 146 33.75 19.89 -8.21
CA ARG A 146 33.19 19.01 -7.20
C ARG A 146 32.15 19.77 -6.39
N ALA A 147 31.24 19.02 -5.79
CA ALA A 147 30.25 19.57 -4.87
C ALA A 147 29.94 18.53 -3.80
N GLN A 148 29.41 19.00 -2.68
CA GLN A 148 29.02 18.16 -1.57
CA GLN A 148 29.01 18.15 -1.58
C GLN A 148 27.55 18.41 -1.27
N LEU A 149 26.76 17.34 -1.20
CA LEU A 149 25.34 17.51 -0.95
C LEU A 149 24.94 16.95 0.40
N PRO A 150 23.97 17.56 1.09
CA PRO A 150 23.60 17.11 2.42
C PRO A 150 22.74 15.85 2.37
N ILE A 151 22.72 15.16 3.51
CA ILE A 151 21.86 14.00 3.73
C ILE A 151 21.08 14.27 5.01
N TYR A 152 19.78 14.03 4.98
CA TYR A 152 18.91 14.25 6.13
C TYR A 152 18.46 12.90 6.68
N ASP A 153 18.67 12.68 7.99
CA ASP A 153 18.35 11.42 8.64
C ASP A 153 17.07 11.63 9.45
N LYS A 154 15.95 11.17 8.89
CA LYS A 154 14.66 11.41 9.50
C LYS A 154 14.47 10.70 10.83
N SER A 155 15.34 9.75 11.17
CA SER A 155 15.17 9.01 12.40
C SER A 155 15.75 9.73 13.62
N LEU A 156 16.61 10.73 13.42
CA LEU A 156 17.28 11.36 14.55
C LEU A 156 16.27 12.11 15.43
N PHE A 157 16.67 12.36 16.67
CA PHE A 157 15.81 13.00 17.66
C PHE A 157 14.47 12.27 17.73
N LYS A 158 14.56 10.94 17.84
CA LYS A 158 13.40 10.08 18.04
C LYS A 158 12.37 10.25 16.92
N GLY A 159 12.83 10.54 15.72
CA GLY A 159 11.97 10.66 14.57
C GLY A 159 11.67 12.08 14.13
N GLU A 160 12.07 13.09 14.90
CA GLU A 160 11.86 14.45 14.42
C GLU A 160 12.81 14.80 13.28
N GLY A 161 13.98 14.18 13.23
CA GLY A 161 14.87 14.36 12.10
C GLY A 161 15.99 15.36 12.40
N ASP A 162 17.10 15.21 11.68
CA ASP A 162 18.18 16.17 11.70
C ASP A 162 19.09 15.89 10.49
N ARG A 163 19.87 16.90 10.11
CA ARG A 163 20.87 16.72 9.06
C ARG A 163 21.88 15.67 9.48
N SER A 164 22.20 14.76 8.57
CA SER A 164 23.25 13.80 8.87
C SER A 164 24.64 14.44 8.77
N LYS A 165 25.60 13.83 9.45
CA LYS A 165 27.00 14.15 9.22
C LYS A 165 27.49 13.65 7.86
N GLU A 166 26.91 12.56 7.35
CA GLU A 166 27.30 12.05 6.05
C GLU A 166 26.89 13.02 4.94
N VAL A 167 27.68 13.04 3.84
CA VAL A 167 27.37 13.86 2.67
C VAL A 167 27.48 13.01 1.40
N VAL A 168 26.93 13.55 0.32
CA VAL A 168 27.05 12.97 -1.02
C VAL A 168 28.11 13.75 -1.79
N GLU A 169 29.12 13.06 -2.32
CA GLU A 169 30.18 13.69 -3.10
C GLU A 169 29.82 13.65 -4.57
N VAL A 170 29.85 14.82 -5.22
CA VAL A 170 29.54 14.94 -6.64
C VAL A 170 30.83 15.30 -7.37
N GLN A 171 31.13 14.56 -8.42
CA GLN A 171 32.31 14.79 -9.25
C GLN A 171 31.84 15.20 -10.63
N GLY A 172 32.17 16.42 -11.03
CA GLY A 172 31.86 16.86 -12.37
C GLY A 172 32.78 16.23 -13.37
N PRO A 173 32.48 16.40 -14.66
CA PRO A 173 31.35 17.17 -15.20
C PRO A 173 30.02 16.43 -15.04
N ILE A 174 28.91 17.17 -15.14
CA ILE A 174 27.57 16.63 -14.94
C ILE A 174 26.71 17.06 -16.12
N ASP A 175 26.01 16.09 -16.72
CA ASP A 175 25.08 16.41 -17.81
C ASP A 175 23.75 16.92 -17.29
N VAL A 176 23.23 16.31 -16.22
CA VAL A 176 21.85 16.52 -15.81
C VAL A 176 21.81 16.54 -14.29
N VAL A 177 21.11 17.51 -13.72
CA VAL A 177 20.76 17.54 -12.30
C VAL A 177 19.27 17.25 -12.18
N ILE A 178 18.94 16.21 -11.44
CA ILE A 178 17.55 15.94 -11.06
C ILE A 178 17.32 16.60 -9.70
N PHE A 179 16.37 17.54 -9.64
CA PHE A 179 16.03 18.24 -8.41
C PHE A 179 14.56 17.97 -8.09
N GLU A 180 14.30 17.05 -7.17
CA GLU A 180 12.97 16.51 -6.96
C GLU A 180 12.44 16.86 -5.58
N GLY A 181 11.11 16.84 -5.45
CA GLY A 181 10.50 17.18 -4.18
C GLY A 181 8.99 17.19 -4.23
N TRP A 182 8.35 16.86 -3.10
CA TRP A 182 6.89 16.77 -3.09
C TRP A 182 6.23 18.10 -3.42
N MET A 183 6.91 19.22 -3.16
CA MET A 183 6.37 20.54 -3.44
C MET A 183 7.24 21.33 -4.41
N ASN A 184 8.12 20.66 -5.16
CA ASN A 184 9.00 21.41 -6.05
C ASN A 184 8.15 22.15 -7.09
N GLY A 185 8.45 23.42 -7.30
CA GLY A 185 7.70 24.21 -8.25
C GLY A 185 6.39 24.78 -7.73
N PHE A 186 5.93 24.39 -6.54
CA PHE A 186 4.70 24.96 -5.99
C PHE A 186 4.80 26.49 -5.95
N GLY A 187 3.74 27.17 -6.39
CA GLY A 187 3.72 28.61 -6.47
C GLY A 187 2.89 29.28 -5.38
N PRO A 188 3.40 30.39 -4.83
CA PRO A 188 2.63 31.15 -3.85
C PRO A 188 1.45 31.86 -4.51
N LEU A 189 0.53 32.33 -3.68
CA LEU A 189 -0.66 33.04 -4.14
C LEU A 189 -0.60 34.49 -3.70
N SER A 190 -1.30 35.35 -4.43
CA SER A 190 -1.62 36.66 -3.88
C SER A 190 -2.48 36.45 -2.64
N ASN A 191 -2.44 37.44 -1.74
CA ASN A 191 -3.28 37.35 -0.54
C ASN A 191 -4.74 37.15 -0.93
N ASP A 192 -5.22 37.92 -1.91
CA ASP A 192 -6.63 37.84 -2.32
C ASP A 192 -6.97 36.47 -2.86
N LYS A 193 -6.05 35.86 -3.62
CA LYS A 193 -6.32 34.56 -4.21
C LYS A 193 -6.35 33.45 -3.15
N LEU A 194 -5.47 33.52 -2.14
CA LEU A 194 -5.55 32.53 -1.08
C LEU A 194 -6.89 32.63 -0.36
N GLU A 195 -7.31 33.85 -0.01
CA GLU A 195 -8.64 34.05 0.58
C GLU A 195 -9.72 33.48 -0.31
N GLU A 196 -9.60 33.68 -1.61
CA GLU A 196 -10.62 33.20 -2.54
C GLU A 196 -10.79 31.70 -2.43
N LYS A 197 -9.67 30.97 -2.40
CA LYS A 197 -9.72 29.51 -2.28
C LYS A 197 -10.24 29.08 -0.92
N TYR A 198 -9.82 29.76 0.16
CA TYR A 198 -10.33 29.42 1.49
C TYR A 198 -11.84 29.61 1.57
N ALA A 199 -12.33 30.76 1.11
CA ALA A 199 -13.78 31.02 1.17
C ALA A 199 -14.54 30.03 0.29
N GLU A 200 -13.99 29.69 -0.87
CA GLU A 200 -14.69 28.77 -1.76
C GLU A 200 -14.87 27.41 -1.09
N ALA A 201 -13.79 26.90 -0.48
CA ALA A 201 -13.84 25.63 0.25
C ALA A 201 -14.96 25.64 1.28
N GLY A 202 -15.08 26.74 2.02
CA GLY A 202 -16.10 26.80 3.06
C GLY A 202 -17.51 26.78 2.52
N ARG A 203 -17.72 27.34 1.33
CA ARG A 203 -19.04 27.32 0.71
C ARG A 203 -19.39 25.95 0.12
N GLN A 204 -18.39 25.15 -0.23
CA GLN A 204 -18.66 23.86 -0.85
C GLN A 204 -18.97 22.76 0.16
N TRP A 205 -18.49 22.88 1.39
CA TRP A 205 -18.48 21.75 2.32
C TRP A 205 -19.63 21.78 3.32
N VAL A 216 -15.22 14.21 1.59
CA VAL A 216 -13.87 14.67 1.25
C VAL A 216 -13.73 16.16 1.54
N MET A 217 -13.59 16.50 2.81
CA MET A 217 -13.45 17.89 3.21
C MET A 217 -12.13 18.44 2.72
N PRO A 218 -12.09 19.63 2.13
CA PRO A 218 -10.80 20.24 1.79
C PRO A 218 -9.98 20.48 3.05
N THR A 219 -8.72 20.03 3.02
CA THR A 219 -7.92 20.07 4.24
C THR A 219 -7.54 21.49 4.66
N ILE A 220 -7.60 22.47 3.75
CA ILE A 220 -7.27 23.83 4.18
C ILE A 220 -8.24 24.30 5.25
N LEU A 221 -9.47 23.75 5.27
CA LEU A 221 -10.44 24.11 6.30
C LEU A 221 -10.04 23.60 7.68
N LEU A 222 -9.03 22.73 7.78
CA LEU A 222 -8.54 22.31 9.08
C LEU A 222 -7.67 23.36 9.74
N TYR A 223 -7.31 24.42 9.03
CA TYR A 223 -6.30 25.37 9.49
C TYR A 223 -6.85 26.78 9.45
N SER A 224 -6.30 27.64 10.31
CA SER A 224 -6.69 29.04 10.30
C SER A 224 -6.15 29.73 9.06
N ARG A 225 -6.79 30.83 8.69
CA ARG A 225 -6.31 31.66 7.59
C ARG A 225 -4.90 32.16 7.85
N SER A 226 -4.57 32.52 9.11
CA SER A 226 -3.22 33.00 9.38
C SER A 226 -2.18 31.88 9.24
N THR A 227 -2.52 30.66 9.63
CA THR A 227 -1.59 29.56 9.43
C THR A 227 -1.30 29.38 7.93
N LEU A 228 -2.34 29.42 7.10
CA LEU A 228 -2.14 29.20 5.67
C LEU A 228 -1.38 30.36 5.03
N HIS A 229 -1.65 31.59 5.46
CA HIS A 229 -0.93 32.74 4.92
C HIS A 229 0.56 32.65 5.22
N SER A 230 0.92 32.15 6.42
CA SER A 230 2.33 31.98 6.78
CA SER A 230 2.33 31.98 6.78
C SER A 230 3.04 31.02 5.83
N ILE A 231 2.43 29.86 5.55
CA ILE A 231 3.06 28.93 4.61
C ILE A 231 3.19 29.58 3.24
N ASN A 232 2.15 30.30 2.81
CA ASN A 232 2.18 31.03 1.53
C ASN A 232 3.35 32.01 1.48
N GLN A 233 3.51 32.81 2.53
CA GLN A 233 4.60 33.76 2.59
C GLN A 233 5.96 33.07 2.59
N ASN A 234 6.05 31.94 3.32
CA ASN A 234 7.25 31.12 3.27
C ASN A 234 7.56 30.67 1.84
N LEU A 235 6.52 30.29 1.09
CA LEU A 235 6.72 29.74 -0.25
C LEU A 235 7.26 30.79 -1.22
N ARG A 236 6.93 32.07 -1.00
CA ARG A 236 7.49 33.13 -1.83
C ARG A 236 9.01 33.14 -1.81
N GLN A 237 9.64 32.67 -0.72
CA GLN A 237 11.10 32.62 -0.62
C GLN A 237 11.72 31.53 -1.51
N TYR A 238 10.93 30.62 -2.08
CA TYR A 238 11.49 29.57 -2.92
C TYR A 238 11.62 29.96 -4.39
N GLU A 239 11.13 31.14 -4.77
CA GLU A 239 11.04 31.46 -6.19
C GLU A 239 12.42 31.61 -6.83
N VAL A 240 13.42 32.12 -6.11
CA VAL A 240 14.78 32.17 -6.64
C VAL A 240 15.28 30.75 -6.96
N LEU A 241 14.95 29.79 -6.09
CA LEU A 241 15.33 28.40 -6.29
C LEU A 241 14.61 27.80 -7.50
N TRP A 242 13.29 28.02 -7.57
CA TRP A 242 12.53 27.49 -8.72
C TRP A 242 13.08 28.01 -10.03
N ASP A 243 13.52 29.27 -10.05
CA ASP A 243 13.99 29.88 -11.30
C ASP A 243 15.27 29.27 -11.82
N GLN A 244 15.97 28.44 -11.04
CA GLN A 244 17.15 27.73 -11.48
C GLN A 244 16.83 26.48 -12.27
N ILE A 245 15.56 26.09 -12.31
CA ILE A 245 15.13 24.87 -12.99
C ILE A 245 14.88 25.15 -14.47
N ASP A 246 15.42 24.27 -15.34
CA ASP A 246 15.32 24.44 -16.79
C ASP A 246 14.11 23.75 -17.39
N CYS A 247 13.76 22.56 -16.92
CA CYS A 247 12.63 21.83 -17.46
C CYS A 247 12.02 21.02 -16.32
N PHE A 248 10.87 20.39 -16.57
CA PHE A 248 10.09 19.90 -15.44
C PHE A 248 9.35 18.63 -15.80
N VAL A 249 9.32 17.70 -14.86
CA VAL A 249 8.55 16.46 -14.98
C VAL A 249 7.62 16.39 -13.78
N GLN A 250 6.33 16.18 -14.02
CA GLN A 250 5.36 16.11 -12.94
C GLN A 250 4.55 14.81 -13.01
N ILE A 251 4.40 14.14 -11.88
CA ILE A 251 3.51 13.00 -11.77
C ILE A 251 2.24 13.50 -11.05
N GLN A 252 1.12 13.50 -11.76
CA GLN A 252 -0.13 14.05 -11.24
C GLN A 252 -1.15 12.93 -11.09
N PRO A 253 -1.63 12.63 -9.88
CA PRO A 253 -2.71 11.66 -9.76
C PRO A 253 -3.97 12.20 -10.41
N LEU A 254 -4.80 11.28 -10.91
CA LEU A 254 -6.13 11.64 -11.38
C LEU A 254 -6.90 12.40 -10.32
N ASP A 255 -6.76 11.97 -9.07
CA ASP A 255 -7.48 12.55 -7.94
C ASP A 255 -6.52 12.68 -6.79
N LEU A 256 -6.57 13.83 -6.11
CA LEU A 256 -5.70 14.06 -4.97
C LEU A 256 -5.97 13.07 -3.83
N SER A 257 -7.11 12.39 -3.83
CA SER A 257 -7.39 11.40 -2.79
C SER A 257 -6.40 10.25 -2.82
N TYR A 258 -5.78 9.97 -3.97
CA TYR A 258 -4.83 8.88 -4.06
C TYR A 258 -3.68 9.05 -3.08
N VAL A 259 -3.33 10.30 -2.74
CA VAL A 259 -2.15 10.54 -1.92
C VAL A 259 -2.28 9.87 -0.56
N TRP A 260 -3.46 9.97 0.06
CA TRP A 260 -3.72 9.25 1.30
C TRP A 260 -3.56 7.74 1.11
N THR A 261 -4.20 7.21 0.07
CA THR A 261 -4.17 5.77 -0.16
C THR A 261 -2.73 5.28 -0.41
N TRP A 262 -1.99 5.99 -1.25
CA TRP A 262 -0.61 5.62 -1.54
C TRP A 262 0.26 5.68 -0.28
N ARG A 263 0.13 6.75 0.50
CA ARG A 263 0.98 6.89 1.67
C ARG A 263 0.66 5.82 2.72
N LEU A 264 -0.60 5.39 2.79
CA LEU A 264 -0.94 4.24 3.65
C LEU A 264 -0.29 2.96 3.13
N GLN A 265 -0.41 2.70 1.83
CA GLN A 265 0.28 1.54 1.25
C GLN A 265 1.76 1.56 1.56
N GLN A 266 2.39 2.73 1.37
CA GLN A 266 3.82 2.85 1.63
C GLN A 266 4.16 2.48 3.07
N GLU A 267 3.38 3.00 4.03
CA GLU A 267 3.69 2.71 5.43
C GLU A 267 3.46 1.23 5.74
N HIS A 268 2.41 0.63 5.17
CA HIS A 268 2.19 -0.79 5.38
C HIS A 268 3.30 -1.63 4.72
N ASN A 269 3.71 -1.26 3.51
CA ASN A 269 4.81 -1.96 2.86
C ASN A 269 6.09 -1.86 3.66
N MET A 270 6.42 -0.67 4.16
CA MET A 270 7.63 -0.51 4.95
C MET A 270 7.56 -1.32 6.23
N LYS A 271 6.43 -1.26 6.95
CA LYS A 271 6.31 -2.02 8.17
CA LYS A 271 6.25 -2.02 8.17
C LYS A 271 6.39 -3.52 7.92
N ALA A 272 5.91 -3.99 6.77
CA ALA A 272 5.93 -5.43 6.52
C ALA A 272 7.33 -5.95 6.27
N LYS A 273 8.29 -5.06 5.95
CA LYS A 273 9.66 -5.45 5.68
C LYS A 273 10.64 -5.12 6.80
N ASN A 274 10.32 -4.20 7.71
CA ASN A 274 11.24 -3.77 8.76
C ASN A 274 10.83 -4.27 10.14
N GLY A 275 10.00 -5.30 10.20
CA GLY A 275 9.59 -5.84 11.48
C GLY A 275 8.39 -5.17 12.11
N GLY A 276 7.76 -4.21 11.43
CA GLY A 276 6.53 -3.62 11.90
C GLY A 276 6.66 -2.28 12.61
N ASN A 277 7.67 -1.48 12.27
CA ASN A 277 7.89 -0.18 12.91
C ASN A 277 7.44 0.91 11.93
N GLY A 278 6.40 1.64 12.30
CA GLY A 278 5.91 2.71 11.45
C GLY A 278 4.68 3.34 12.06
N MET A 279 4.17 4.36 11.37
CA MET A 279 2.98 5.06 11.83
C MET A 279 1.76 4.14 11.78
N THR A 280 0.83 4.38 12.69
CA THR A 280 -0.48 3.77 12.60
C THR A 280 -1.26 4.40 11.44
N ASP A 281 -2.34 3.72 11.04
CA ASP A 281 -3.16 4.29 9.97
C ASP A 281 -3.65 5.69 10.33
N GLU A 282 -4.09 5.89 11.57
CA GLU A 282 -4.56 7.22 11.97
C GLU A 282 -3.42 8.23 11.91
N GLN A 283 -2.23 7.83 12.34
CA GLN A 283 -1.10 8.76 12.27
C GLN A 283 -0.72 9.11 10.84
N VAL A 284 -0.83 8.15 9.91
CA VAL A 284 -0.60 8.48 8.50
C VAL A 284 -1.60 9.53 8.03
N ARG A 285 -2.86 9.40 8.45
CA ARG A 285 -3.89 10.37 8.09
C ARG A 285 -3.51 11.78 8.56
N HIS A 286 -3.19 11.93 9.85
CA HIS A 286 -2.74 13.23 10.37
C HIS A 286 -1.48 13.72 9.65
N PHE A 287 -0.57 12.79 9.33
CA PHE A 287 0.64 13.16 8.60
C PHE A 287 0.31 13.80 7.26
N ILE A 288 -0.58 13.16 6.49
CA ILE A 288 -0.87 13.64 5.14
C ILE A 288 -1.73 14.89 5.20
N ASN A 289 -2.53 15.06 6.26
CA ASN A 289 -3.33 16.26 6.41
C ASN A 289 -2.46 17.50 6.59
N ARG A 290 -1.19 17.35 7.01
CA ARG A 290 -0.29 18.49 7.06
C ARG A 290 0.23 18.89 5.67
N TYR A 291 0.34 17.93 4.74
CA TYR A 291 0.81 18.24 3.38
C TYR A 291 -0.31 18.64 2.43
N MET A 292 -1.49 18.05 2.58
CA MET A 292 -2.59 18.30 1.63
C MET A 292 -2.94 19.77 1.42
N PRO A 293 -2.92 20.65 2.44
CA PRO A 293 -3.23 22.06 2.13
C PRO A 293 -2.27 22.67 1.13
N SER A 294 -1.02 22.22 1.11
CA SER A 294 -0.06 22.74 0.14
C SER A 294 -0.41 22.29 -1.27
N TYR A 295 -0.79 21.01 -1.43
CA TYR A 295 -1.28 20.55 -2.73
C TYR A 295 -2.50 21.35 -3.18
N GLU A 296 -3.45 21.56 -2.26
CA GLU A 296 -4.69 22.26 -2.61
C GLU A 296 -4.43 23.69 -3.06
N LEU A 297 -3.55 24.40 -2.34
CA LEU A 297 -3.35 25.84 -2.58
C LEU A 297 -2.31 26.16 -3.64
N PHE A 298 -1.22 25.39 -3.73
CA PHE A 298 -0.01 25.85 -4.41
C PHE A 298 0.40 25.00 -5.60
N GLN A 299 -0.20 23.82 -5.78
CA GLN A 299 0.27 22.92 -6.83
C GLN A 299 0.09 23.52 -8.22
N ASP A 300 -0.89 24.39 -8.42
CA ASP A 300 -1.12 24.93 -9.76
C ASP A 300 -0.02 25.87 -10.20
N GLY A 301 0.78 26.40 -9.28
CA GLY A 301 1.91 27.25 -9.63
C GLY A 301 2.96 26.56 -10.49
N ILE A 302 2.92 25.22 -10.57
CA ILE A 302 3.84 24.50 -11.45
C ILE A 302 3.52 24.77 -12.92
N ASP A 303 2.30 25.16 -13.21
CA ASP A 303 1.79 25.26 -14.58
C ASP A 303 1.28 26.68 -14.81
N LYS A 304 2.18 27.61 -15.12
CA LYS A 304 1.76 29.00 -15.31
C LYS A 304 2.83 29.72 -16.13
N GLU A 305 2.43 30.87 -16.67
CA GLU A 305 3.17 31.49 -17.77
C GLU A 305 4.55 31.99 -17.32
N THR A 306 4.72 32.33 -16.04
CA THR A 306 5.96 32.95 -15.59
C THR A 306 7.08 31.99 -15.20
N THR A 307 6.86 30.67 -15.19
CA THR A 307 7.89 29.78 -14.68
C THR A 307 9.07 29.68 -15.64
N SER A 308 10.22 29.26 -15.11
CA SER A 308 11.39 29.13 -15.95
C SER A 308 11.30 27.92 -16.86
N TRP A 309 10.43 26.95 -16.54
CA TRP A 309 10.25 25.75 -17.34
C TRP A 309 9.00 25.79 -18.21
N ARG A 310 8.35 26.95 -18.32
CA ARG A 310 7.16 27.07 -19.14
C ARG A 310 7.47 26.64 -20.58
N GLY A 311 6.64 25.75 -21.12
CA GLY A 311 6.90 25.18 -22.44
C GLY A 311 7.87 24.02 -22.45
N LYS A 312 8.47 23.69 -21.32
CA LYS A 312 9.46 22.61 -21.22
CA LYS A 312 9.44 22.60 -21.23
C LYS A 312 9.07 21.65 -20.10
N GLY A 313 7.79 21.31 -20.02
CA GLY A 313 7.30 20.44 -18.97
C GLY A 313 6.62 19.21 -19.55
N LEU A 314 6.74 18.10 -18.82
CA LEU A 314 6.09 16.85 -19.16
C LEU A 314 5.32 16.37 -17.95
N ARG A 315 4.04 16.10 -18.14
CA ARG A 315 3.17 15.63 -17.06
C ARG A 315 2.70 14.23 -17.36
N PHE A 316 2.84 13.33 -16.37
CA PHE A 316 2.22 12.02 -16.42
C PHE A 316 1.00 12.04 -15.54
N ILE A 317 -0.15 11.64 -16.10
CA ILE A 317 -1.37 11.51 -15.34
C ILE A 317 -1.57 10.03 -15.03
N VAL A 318 -1.68 9.70 -13.74
CA VAL A 318 -1.65 8.29 -13.34
C VAL A 318 -2.94 7.94 -12.59
N ASN A 319 -3.33 6.66 -12.67
CA ASN A 319 -4.47 6.17 -11.92
C ASN A 319 -3.97 5.68 -10.55
N ILE A 320 -4.88 5.09 -9.77
CA ILE A 320 -4.53 4.71 -8.40
C ILE A 320 -3.53 3.57 -8.38
N LYS A 321 -3.47 2.76 -9.44
CA LYS A 321 -2.44 1.75 -9.56
C LYS A 321 -1.14 2.31 -10.12
N ARG A 322 -1.01 3.63 -10.17
CA ARG A 322 0.20 4.32 -10.62
C ARG A 322 0.50 4.07 -12.09
N GLU A 323 -0.49 3.57 -12.84
CA GLU A 323 -0.31 3.37 -14.27
C GLU A 323 -0.57 4.67 -15.02
N ILE A 324 0.27 4.96 -16.01
CA ILE A 324 0.07 6.16 -16.80
C ILE A 324 -1.23 6.01 -17.58
N VAL A 325 -2.13 6.98 -17.42
CA VAL A 325 -3.35 7.03 -18.21
C VAL A 325 -3.39 8.21 -19.16
N GLY A 326 -2.48 9.16 -19.03
CA GLY A 326 -2.36 10.23 -20.01
C GLY A 326 -1.07 11.00 -19.79
N THR A 327 -0.65 11.68 -20.86
CA THR A 327 0.50 12.58 -20.76
C THR A 327 0.13 13.90 -21.39
N GLU A 328 0.74 14.96 -20.87
CA GLU A 328 0.47 16.32 -21.33
C GLU A 328 1.79 17.06 -21.33
N SER A 329 1.93 18.04 -22.22
CA SER A 329 3.09 18.91 -22.11
C SER A 329 2.65 20.22 -21.46
N PHE A 330 3.57 20.89 -20.78
CA PHE A 330 3.28 22.22 -20.27
C PHE A 330 4.54 23.07 -20.38
N GLY B 17 -6.16 -36.08 -7.14
CA GLY B 17 -6.43 -36.64 -8.45
C GLY B 17 -7.91 -36.67 -8.79
N GLY B 18 -8.73 -36.15 -7.88
CA GLY B 18 -10.16 -36.05 -8.08
C GLY B 18 -10.53 -34.88 -8.96
N ALA B 19 -11.82 -34.81 -9.29
CA ALA B 19 -12.29 -33.80 -10.24
C ALA B 19 -11.96 -32.40 -9.78
N MET B 20 -12.23 -32.08 -8.51
CA MET B 20 -12.01 -30.71 -8.05
C MET B 20 -10.53 -30.35 -8.08
N VAL B 21 -9.66 -31.27 -7.65
CA VAL B 21 -8.22 -31.03 -7.71
C VAL B 21 -7.77 -30.80 -9.15
N GLN B 22 -8.18 -31.69 -10.06
CA GLN B 22 -7.85 -31.56 -11.48
C GLN B 22 -8.34 -30.23 -12.05
N GLN B 23 -9.61 -29.90 -11.80
CA GLN B 23 -10.16 -28.66 -12.35
C GLN B 23 -9.50 -27.43 -11.74
N THR B 24 -9.17 -27.48 -10.45
CA THR B 24 -8.48 -26.34 -9.84
C THR B 24 -7.07 -26.21 -10.39
N ALA B 25 -6.38 -27.33 -10.59
CA ALA B 25 -5.05 -27.29 -11.19
C ALA B 25 -5.09 -26.64 -12.56
N GLY B 26 -6.05 -27.04 -13.40
CA GLY B 26 -6.19 -26.39 -14.71
C GLY B 26 -6.35 -24.89 -14.60
N PHE B 27 -7.17 -24.45 -13.64
CA PHE B 27 -7.38 -23.03 -13.43
C PHE B 27 -6.12 -22.34 -12.92
N VAL B 28 -5.40 -22.97 -12.00
CA VAL B 28 -4.16 -22.38 -11.51
C VAL B 28 -3.14 -22.24 -12.65
N LEU B 29 -3.03 -23.27 -13.48
CA LEU B 29 -2.02 -23.23 -14.56
C LEU B 29 -2.36 -22.13 -15.58
N SER B 30 -3.65 -21.95 -15.91
CA SER B 30 -4.04 -20.90 -16.84
CA SER B 30 -3.98 -20.90 -16.86
C SER B 30 -3.83 -19.51 -16.23
N GLN B 31 -4.20 -19.35 -14.96
CA GLN B 31 -4.00 -18.07 -14.29
C GLN B 31 -2.51 -17.77 -14.16
N LEU B 32 -1.70 -18.78 -13.86
CA LEU B 32 -0.25 -18.59 -13.81
C LEU B 32 0.28 -18.10 -15.15
N ALA B 33 -0.15 -18.74 -16.24
CA ALA B 33 0.33 -18.34 -17.57
C ALA B 33 -0.09 -16.91 -17.89
N ARG B 34 -1.31 -16.52 -17.51
CA ARG B 34 -1.76 -15.14 -17.72
C ARG B 34 -0.94 -14.16 -16.88
N HIS B 35 -0.72 -14.51 -15.61
CA HIS B 35 0.14 -13.74 -14.71
C HIS B 35 1.53 -13.52 -15.32
N ARG B 36 2.14 -14.59 -15.84
CA ARG B 36 3.47 -14.49 -16.42
C ARG B 36 3.47 -13.61 -17.67
N SER B 37 2.44 -13.74 -18.51
CA SER B 37 2.34 -12.90 -19.71
C SER B 37 2.13 -11.43 -19.36
N SER B 38 1.36 -11.16 -18.30
CA SER B 38 1.01 -9.80 -17.94
C SER B 38 2.14 -9.07 -17.24
N TRP B 39 3.08 -9.78 -16.64
CA TRP B 39 4.08 -9.14 -15.80
C TRP B 39 4.99 -8.26 -16.65
N ASN B 40 4.98 -6.95 -16.37
CA ASN B 40 5.68 -5.96 -17.18
C ASN B 40 6.87 -5.32 -16.49
N LYS B 41 6.94 -5.35 -15.16
CA LYS B 41 8.02 -4.72 -14.45
C LYS B 41 9.37 -5.41 -14.77
N GLU B 42 10.46 -4.74 -14.38
CA GLU B 42 11.80 -5.22 -14.69
C GLU B 42 12.24 -6.37 -13.79
N THR B 43 11.68 -6.48 -12.58
CA THR B 43 12.07 -7.51 -11.63
C THR B 43 11.50 -8.86 -12.04
N MET B 44 11.82 -9.89 -11.27
CA MET B 44 11.30 -11.23 -11.53
C MET B 44 9.81 -11.30 -11.26
N CYS B 45 9.14 -12.18 -12.00
CA CYS B 45 7.70 -12.33 -11.82
C CYS B 45 7.41 -12.92 -10.44
N PRO B 46 6.57 -12.26 -9.64
CA PRO B 46 6.23 -12.79 -8.32
C PRO B 46 5.42 -14.05 -8.44
N PRO B 47 5.30 -14.81 -7.34
CA PRO B 47 4.32 -15.90 -7.32
C PRO B 47 2.91 -15.40 -7.61
N LEU B 48 2.15 -16.21 -8.35
CA LEU B 48 0.70 -16.05 -8.43
C LEU B 48 0.06 -16.35 -7.07
N VAL B 49 -0.70 -15.40 -6.53
CA VAL B 49 -1.42 -15.61 -5.27
C VAL B 49 -2.84 -16.07 -5.58
N VAL B 50 -3.16 -17.29 -5.16
CA VAL B 50 -4.47 -17.88 -5.34
C VAL B 50 -5.19 -17.85 -4.00
N GLY B 51 -6.22 -17.01 -3.89
CA GLY B 51 -7.06 -17.05 -2.70
C GLY B 51 -8.01 -18.24 -2.79
N VAL B 52 -8.27 -18.85 -1.63
CA VAL B 52 -9.16 -20.01 -1.56
C VAL B 52 -10.09 -19.83 -0.35
N GLN B 53 -11.39 -19.96 -0.56
CA GLN B 53 -12.35 -19.87 0.55
C GLN B 53 -13.37 -20.99 0.40
N GLY B 54 -13.73 -21.58 1.53
CA GLY B 54 -14.70 -22.64 1.55
C GLY B 54 -15.07 -22.99 2.97
N PRO B 55 -16.19 -23.70 3.12
CA PRO B 55 -16.83 -23.83 4.43
C PRO B 55 -16.12 -24.84 5.32
N GLN B 56 -16.52 -24.81 6.59
CA GLN B 56 -16.11 -25.77 7.60
C GLN B 56 -16.67 -27.15 7.27
N GLY B 57 -15.91 -27.93 6.50
CA GLY B 57 -16.36 -29.23 6.06
C GLY B 57 -16.40 -29.33 4.55
N SER B 61 -9.58 -35.63 3.33
CA SER B 61 -9.05 -35.32 2.00
C SER B 61 -9.74 -34.08 1.41
N HIS B 62 -9.03 -32.95 1.39
CA HIS B 62 -9.59 -31.68 0.96
C HIS B 62 -8.69 -31.02 -0.08
N LEU B 63 -9.25 -30.04 -0.77
CA LEU B 63 -8.60 -29.43 -1.93
C LEU B 63 -7.22 -28.91 -1.58
N THR B 64 -7.12 -27.98 -0.62
CA THR B 64 -5.83 -27.37 -0.33
C THR B 64 -4.84 -28.34 0.31
N GLY B 65 -5.30 -29.48 0.82
CA GLY B 65 -4.37 -30.50 1.28
C GLY B 65 -3.73 -31.28 0.15
N LEU B 66 -4.44 -31.44 -0.96
CA LEU B 66 -3.98 -32.24 -2.08
C LEU B 66 -3.37 -31.42 -3.21
N LEU B 67 -3.78 -30.17 -3.34
CA LEU B 67 -3.43 -29.40 -4.54
C LEU B 67 -1.93 -29.11 -4.63
N PRO B 68 -1.26 -28.68 -3.55
CA PRO B 68 0.20 -28.45 -3.67
C PRO B 68 0.96 -29.65 -4.22
N ASP B 69 0.77 -30.84 -3.65
CA ASP B 69 1.54 -32.00 -4.11
C ASP B 69 1.18 -32.40 -5.52
N TYR B 70 -0.07 -32.17 -5.93
CA TYR B 70 -0.50 -32.46 -7.29
C TYR B 70 0.18 -31.54 -8.29
N LEU B 71 0.18 -30.23 -8.01
CA LEU B 71 0.84 -29.27 -8.90
C LEU B 71 2.35 -29.47 -8.92
N GLU B 72 2.95 -29.82 -7.77
CA GLU B 72 4.39 -30.01 -7.73
C GLU B 72 4.80 -31.29 -8.46
N LYS B 73 4.06 -32.38 -8.24
CA LYS B 73 4.40 -33.66 -8.87
C LYS B 73 4.09 -33.68 -10.36
N HIS B 74 2.90 -33.21 -10.75
CA HIS B 74 2.47 -33.40 -12.13
C HIS B 74 2.73 -32.21 -13.04
N TYR B 75 2.96 -31.02 -12.49
CA TYR B 75 3.14 -29.82 -13.32
C TYR B 75 4.42 -29.07 -12.96
N GLY B 76 5.31 -29.67 -12.17
CA GLY B 76 6.64 -29.11 -11.93
C GLY B 76 6.66 -27.80 -11.18
N LEU B 77 5.57 -27.43 -10.54
CA LEU B 77 5.49 -26.13 -9.87
C LEU B 77 6.08 -26.20 -8.48
N ARG B 78 6.49 -25.04 -7.97
CA ARG B 78 6.92 -24.88 -6.59
C ARG B 78 5.87 -24.05 -5.88
N LEU B 79 5.28 -24.60 -4.82
CA LEU B 79 4.17 -23.97 -4.12
C LEU B 79 4.55 -23.63 -2.68
N ALA B 80 3.89 -22.62 -2.15
CA ALA B 80 3.88 -22.32 -0.73
C ALA B 80 2.42 -22.09 -0.34
N THR B 81 2.08 -22.44 0.90
CA THR B 81 0.69 -22.31 1.36
C THR B 81 0.65 -21.49 2.65
N MET B 82 -0.26 -20.51 2.67
CA MET B 82 -0.61 -19.74 3.86
C MET B 82 -2.05 -20.10 4.24
N SER B 83 -2.23 -20.71 5.40
CA SER B 83 -3.56 -20.99 5.93
C SER B 83 -3.89 -19.96 6.99
N LEU B 84 -5.04 -19.29 6.81
CA LEU B 84 -5.47 -18.22 7.72
C LEU B 84 -5.37 -18.63 9.19
N ASP B 85 -5.75 -19.85 9.52
CA ASP B 85 -5.77 -20.27 10.92
C ASP B 85 -4.38 -20.33 11.53
N ASP B 86 -3.35 -20.55 10.72
CA ASP B 86 -2.00 -20.52 11.31
C ASP B 86 -1.55 -19.11 11.69
N PHE B 87 -2.36 -18.09 11.38
CA PHE B 87 -2.05 -16.69 11.66
C PHE B 87 -2.95 -16.09 12.75
N TYR B 88 -3.62 -16.92 13.54
CA TYR B 88 -4.31 -16.38 14.72
C TYR B 88 -3.32 -15.62 15.60
N LEU B 89 -3.85 -14.64 16.34
CA LEU B 89 -3.08 -14.00 17.40
C LEU B 89 -2.48 -15.03 18.35
N THR B 90 -1.35 -14.67 18.98
CA THR B 90 -0.87 -15.50 20.07
C THR B 90 -1.94 -15.55 21.15
N HIS B 91 -1.87 -16.60 21.98
CA HIS B 91 -2.83 -16.72 23.07
C HIS B 91 -2.79 -15.48 23.96
N SER B 92 -1.59 -14.92 24.21
CA SER B 92 -1.49 -13.74 25.05
C SER B 92 -2.21 -12.55 24.41
N ASP B 93 -2.06 -12.37 23.10
CA ASP B 93 -2.72 -11.29 22.39
C ASP B 93 -4.22 -11.52 22.31
N GLN B 94 -4.65 -12.77 22.16
CA GLN B 94 -6.08 -13.07 22.13
C GLN B 94 -6.72 -12.78 23.49
N VAL B 95 -5.99 -13.06 24.59
CA VAL B 95 -6.50 -12.75 25.92
C VAL B 95 -6.66 -11.23 26.08
N LYS B 96 -5.68 -10.48 25.59
CA LYS B 96 -5.77 -9.02 25.62
C LYS B 96 -6.98 -8.54 24.82
N LEU B 97 -7.22 -9.15 23.66
CA LEU B 97 -8.36 -8.75 22.83
C LEU B 97 -9.69 -9.06 23.54
N SER B 98 -9.83 -10.28 24.06
CA SER B 98 -11.04 -10.62 24.79
C SER B 98 -11.29 -9.63 25.92
N GLN B 99 -10.24 -9.30 26.69
CA GLN B 99 -10.39 -8.41 27.84
C GLN B 99 -10.80 -7.01 27.43
N SER B 100 -10.39 -6.55 26.25
CA SER B 100 -10.75 -5.22 25.80
C SER B 100 -12.18 -5.15 25.27
N GLU B 101 -12.79 -6.28 24.97
CA GLU B 101 -14.13 -6.34 24.38
C GLU B 101 -14.99 -7.33 25.15
N PRO B 102 -15.19 -7.11 26.46
CA PRO B 102 -15.78 -8.16 27.31
C PRO B 102 -17.21 -8.52 26.93
N ASP B 103 -17.97 -7.59 26.36
CA ASP B 103 -19.35 -7.85 26.02
C ASP B 103 -19.52 -8.36 24.60
N ASN B 104 -18.44 -8.77 23.95
CA ASN B 104 -18.54 -9.28 22.59
C ASN B 104 -18.23 -10.77 22.59
N PRO B 105 -19.26 -11.63 22.60
CA PRO B 105 -19.02 -13.08 22.61
C PRO B 105 -18.22 -13.58 21.44
N LEU B 106 -18.25 -12.90 20.29
CA LEU B 106 -17.51 -13.39 19.13
C LEU B 106 -16.01 -13.13 19.25
N LEU B 107 -15.59 -12.19 20.11
CA LEU B 107 -14.18 -11.91 20.31
C LEU B 107 -13.64 -12.56 21.60
N ASN B 108 -14.39 -13.43 22.25
CA ASN B 108 -13.91 -14.08 23.47
C ASN B 108 -13.03 -15.29 23.20
N GLY B 109 -12.70 -15.55 21.94
CA GLY B 109 -11.80 -16.63 21.55
C GLY B 109 -11.53 -16.49 20.07
N ARG B 110 -10.65 -17.34 19.55
CA ARG B 110 -10.24 -17.26 18.16
C ARG B 110 -11.42 -17.51 17.22
N GLY B 111 -11.32 -16.98 16.00
CA GLY B 111 -12.29 -17.28 14.97
C GLY B 111 -12.53 -16.14 13.99
N PRO B 112 -13.33 -15.18 14.41
CA PRO B 112 -13.82 -14.15 13.49
C PRO B 112 -12.77 -13.07 13.22
N ALA B 113 -13.14 -12.13 12.34
CA ALA B 113 -12.28 -11.00 12.02
C ALA B 113 -11.91 -10.24 13.29
N GLY B 114 -10.62 -9.93 13.43
CA GLY B 114 -10.04 -9.36 14.63
C GLY B 114 -9.14 -10.30 15.39
N THR B 115 -9.32 -11.62 15.23
CA THR B 115 -8.59 -12.58 16.05
C THR B 115 -7.36 -13.13 15.34
N HIS B 116 -6.99 -12.53 14.20
CA HIS B 116 -5.78 -12.88 13.45
C HIS B 116 -4.74 -11.78 13.59
N ASP B 117 -3.48 -12.18 13.44
CA ASP B 117 -2.32 -11.30 13.58
C ASP B 117 -2.09 -10.68 12.20
N LEU B 118 -2.69 -9.51 11.98
CA LEU B 118 -2.57 -8.87 10.67
C LEU B 118 -1.14 -8.41 10.34
N PRO B 119 -0.37 -7.85 11.28
CA PRO B 119 1.04 -7.55 10.94
C PRO B 119 1.80 -8.78 10.44
N LEU B 120 1.55 -9.95 11.02
CA LEU B 120 2.28 -11.15 10.62
C LEU B 120 1.77 -11.69 9.29
N LEU B 121 0.47 -11.62 9.06
CA LEU B 121 -0.08 -11.94 7.75
C LEU B 121 0.54 -11.05 6.68
N GLU B 122 0.59 -9.74 6.92
CA GLU B 122 1.11 -8.83 5.89
C GLU B 122 2.60 -9.04 5.68
N GLN B 123 3.34 -9.31 6.76
CA GLN B 123 4.77 -9.58 6.65
C GLN B 123 5.02 -10.84 5.82
N CYS B 124 4.30 -11.92 6.12
CA CYS B 124 4.57 -13.19 5.45
C CYS B 124 4.13 -13.15 3.99
N LEU B 125 3.00 -12.51 3.72
CA LEU B 125 2.53 -12.45 2.34
C LEU B 125 3.46 -11.57 1.50
N ALA B 126 3.94 -10.46 2.06
CA ALA B 126 4.92 -9.63 1.37
C ALA B 126 6.22 -10.39 1.14
N LYS B 127 6.68 -11.15 2.15
CA LYS B 127 7.90 -11.93 1.96
C LYS B 127 7.73 -12.95 0.83
N LEU B 128 6.59 -13.62 0.80
CA LEU B 128 6.37 -14.59 -0.27
C LEU B 128 6.31 -13.91 -1.62
N LYS B 129 5.70 -12.72 -1.69
CA LYS B 129 5.54 -12.05 -2.97
C LYS B 129 6.85 -11.50 -3.52
N SER B 130 7.86 -11.33 -2.67
CA SER B 130 9.19 -10.88 -3.10
CA SER B 130 9.18 -10.89 -3.12
C SER B 130 10.19 -12.03 -3.19
N ILE B 131 9.75 -13.28 -2.99
CA ILE B 131 10.72 -14.37 -2.86
C ILE B 131 11.41 -14.74 -4.18
N ASN B 132 10.88 -14.32 -5.33
CA ASN B 132 11.55 -14.60 -6.60
C ASN B 132 12.55 -13.51 -6.99
N ASP B 133 12.62 -12.42 -6.24
CA ASP B 133 13.50 -11.31 -6.59
C ASP B 133 14.96 -11.76 -6.61
N ARG B 134 15.67 -11.30 -7.63
CA ARG B 134 17.09 -11.60 -7.77
C ARG B 134 17.87 -10.30 -8.02
N ASP B 144 18.57 -15.88 0.68
CA ASP B 144 18.07 -14.69 0.00
C ASP B 144 16.61 -14.86 -0.44
N GLN B 145 16.25 -16.07 -0.83
CA GLN B 145 14.89 -16.35 -1.27
C GLN B 145 14.21 -17.31 -0.31
N ARG B 146 14.11 -16.94 0.96
CA ARG B 146 13.56 -17.80 1.98
C ARG B 146 12.49 -17.04 2.75
N ALA B 147 11.60 -17.81 3.39
CA ALA B 147 10.57 -17.27 4.24
C ALA B 147 10.24 -18.30 5.29
N GLN B 148 9.79 -17.84 6.44
CA GLN B 148 9.33 -18.70 7.52
CA GLN B 148 9.34 -18.70 7.53
C GLN B 148 7.88 -18.38 7.82
N LEU B 149 7.06 -19.41 7.86
CA LEU B 149 5.63 -19.23 8.09
C LEU B 149 5.26 -19.80 9.45
N PRO B 150 4.33 -19.18 10.17
CA PRO B 150 3.96 -19.67 11.50
C PRO B 150 3.09 -20.91 11.40
N ILE B 151 3.03 -21.62 12.52
CA ILE B 151 2.14 -22.75 12.73
C ILE B 151 1.35 -22.48 13.99
N TYR B 152 0.02 -22.64 13.93
CA TYR B 152 -0.82 -22.50 15.14
C TYR B 152 -1.26 -23.87 15.66
N ASP B 153 -1.09 -24.10 16.96
CA ASP B 153 -1.43 -25.37 17.59
C ASP B 153 -2.73 -25.15 18.37
N LYS B 154 -3.85 -25.54 17.77
CA LYS B 154 -5.16 -25.36 18.40
C LYS B 154 -5.32 -26.09 19.72
N SER B 155 -4.43 -27.02 20.04
CA SER B 155 -4.63 -27.83 21.24
C SER B 155 -4.08 -27.16 22.50
N LEU B 156 -3.26 -26.13 22.36
CA LEU B 156 -2.58 -25.56 23.52
C LEU B 156 -3.58 -24.76 24.37
N PHE B 157 -3.20 -24.52 25.63
CA PHE B 157 -4.07 -23.87 26.62
C PHE B 157 -5.42 -24.56 26.72
N LYS B 158 -5.36 -25.90 26.81
CA LYS B 158 -6.54 -26.74 27.00
C LYS B 158 -7.54 -26.55 25.87
N GLY B 159 -7.05 -26.34 24.66
CA GLY B 159 -7.90 -26.19 23.50
C GLY B 159 -8.14 -24.78 23.04
N GLU B 160 -7.74 -23.78 23.83
CA GLU B 160 -7.92 -22.40 23.38
C GLU B 160 -6.95 -22.05 22.27
N GLY B 161 -5.80 -22.71 22.24
CA GLY B 161 -4.87 -22.58 21.13
C GLY B 161 -3.78 -21.55 21.39
N ASP B 162 -2.64 -21.74 20.72
CA ASP B 162 -1.58 -20.75 20.75
C ASP B 162 -0.66 -21.01 19.56
N ARG B 163 0.11 -19.98 19.19
CA ARG B 163 1.12 -20.13 18.15
C ARG B 163 2.16 -21.15 18.58
N SER B 164 2.50 -22.07 17.68
CA SER B 164 3.54 -23.04 17.97
C SER B 164 4.91 -22.38 17.86
N LYS B 165 5.91 -23.03 18.47
CA LYS B 165 7.29 -22.63 18.22
C LYS B 165 7.82 -23.17 16.89
N GLU B 166 7.24 -24.25 16.37
CA GLU B 166 7.59 -24.75 15.03
C GLU B 166 7.19 -23.74 13.97
N VAL B 167 7.93 -23.74 12.84
CA VAL B 167 7.63 -22.92 11.68
C VAL B 167 7.73 -23.76 10.42
N VAL B 168 7.19 -23.23 9.33
CA VAL B 168 7.31 -23.82 7.99
C VAL B 168 8.37 -23.04 7.23
N GLU B 169 9.40 -23.74 6.73
CA GLU B 169 10.45 -23.12 5.92
C GLU B 169 10.08 -23.13 4.45
N VAL B 170 10.13 -21.95 3.81
CA VAL B 170 9.82 -21.80 2.40
C VAL B 170 11.11 -21.46 1.67
N GLN B 171 11.43 -22.24 0.64
CA GLN B 171 12.61 -21.98 -0.16
C GLN B 171 12.14 -21.55 -1.54
N GLY B 172 12.47 -20.32 -1.93
CA GLY B 172 12.17 -19.85 -3.26
C GLY B 172 13.04 -20.52 -4.28
N PRO B 173 12.77 -20.30 -5.59
CA PRO B 173 11.63 -19.54 -6.12
C PRO B 173 10.31 -20.27 -5.94
N ILE B 174 9.21 -19.53 -6.03
CA ILE B 174 7.88 -20.05 -5.80
C ILE B 174 7.01 -19.63 -6.98
N ASP B 175 6.31 -20.59 -7.59
CA ASP B 175 5.41 -20.26 -8.69
C ASP B 175 4.06 -19.75 -8.20
N VAL B 176 3.52 -20.39 -7.16
CA VAL B 176 2.14 -20.17 -6.72
C VAL B 176 2.10 -20.14 -5.20
N VAL B 177 1.38 -19.18 -4.65
CA VAL B 177 1.04 -19.13 -3.22
C VAL B 177 -0.45 -19.42 -3.11
N ILE B 178 -0.80 -20.47 -2.36
CA ILE B 178 -2.17 -20.73 -1.97
C ILE B 178 -2.40 -20.01 -0.65
N PHE B 179 -3.37 -19.09 -0.62
CA PHE B 179 -3.73 -18.36 0.61
C PHE B 179 -5.21 -18.68 0.89
N GLU B 180 -5.44 -19.60 1.82
CA GLU B 180 -6.76 -20.13 2.09
C GLU B 180 -7.26 -19.71 3.47
N GLY B 181 -8.58 -19.68 3.61
CA GLY B 181 -9.20 -19.31 4.89
C GLY B 181 -10.70 -19.46 4.79
N TRP B 182 -11.35 -19.82 5.91
CA TRP B 182 -12.80 -19.93 5.93
C TRP B 182 -13.48 -18.60 5.60
N MET B 183 -12.80 -17.48 5.88
CA MET B 183 -13.33 -16.15 5.63
C MET B 183 -12.46 -15.37 4.65
N ASN B 184 -11.58 -16.05 3.91
CA ASN B 184 -10.72 -15.31 3.00
C ASN B 184 -11.55 -14.58 1.95
N GLY B 185 -11.23 -13.32 1.72
CA GLY B 185 -11.97 -12.52 0.76
C GLY B 185 -13.27 -11.93 1.27
N PHE B 186 -13.72 -12.32 2.48
CA PHE B 186 -14.94 -11.74 3.04
C PHE B 186 -14.84 -10.22 3.06
N GLY B 187 -15.93 -9.55 2.69
CA GLY B 187 -15.93 -8.11 2.59
C GLY B 187 -16.76 -7.42 3.67
N PRO B 188 -16.24 -6.31 4.21
CA PRO B 188 -17.00 -5.52 5.17
C PRO B 188 -18.16 -4.80 4.50
N LEU B 189 -19.08 -4.34 5.33
CA LEU B 189 -20.28 -3.64 4.89
C LEU B 189 -20.23 -2.19 5.33
N SER B 190 -20.94 -1.32 4.59
CA SER B 190 -21.21 -0.01 5.16
C SER B 190 -22.07 -0.21 6.41
N ASN B 191 -22.07 0.78 7.30
CA ASN B 191 -22.91 0.68 8.48
C ASN B 191 -24.38 0.49 8.09
N ASP B 192 -24.85 1.27 7.12
CA ASP B 192 -26.25 1.18 6.71
C ASP B 192 -26.59 -0.20 6.17
N LYS B 193 -25.65 -0.82 5.43
CA LYS B 193 -25.93 -2.11 4.82
C LYS B 193 -25.93 -3.22 5.87
N LEU B 194 -25.06 -3.14 6.87
CA LEU B 194 -25.13 -4.10 7.96
C LEU B 194 -26.47 -4.02 8.68
N GLU B 195 -26.92 -2.81 9.03
CA GLU B 195 -28.23 -2.63 9.65
C GLU B 195 -29.33 -3.19 8.77
N GLU B 196 -29.21 -2.99 7.46
CA GLU B 196 -30.22 -3.47 6.53
C GLU B 196 -30.36 -4.99 6.60
N LYS B 197 -29.24 -5.71 6.65
CA LYS B 197 -29.27 -7.16 6.77
C LYS B 197 -29.83 -7.60 8.12
N TYR B 198 -29.41 -6.96 9.20
CA TYR B 198 -29.95 -7.29 10.53
C TYR B 198 -31.46 -7.08 10.60
N ALA B 199 -31.95 -5.92 10.14
CA ALA B 199 -33.39 -5.66 10.22
C ALA B 199 -34.17 -6.62 9.32
N GLU B 200 -33.60 -6.99 8.18
CA GLU B 200 -34.33 -7.88 7.27
C GLU B 200 -34.47 -9.27 7.90
N ALA B 201 -33.42 -9.74 8.55
CA ALA B 201 -33.49 -11.02 9.26
C ALA B 201 -34.60 -11.00 10.30
N GLY B 202 -34.63 -9.96 11.13
CA GLY B 202 -35.67 -9.86 12.14
C GLY B 202 -37.08 -9.89 11.58
N ARG B 203 -37.26 -9.39 10.36
CA ARG B 203 -38.60 -9.42 9.76
C ARG B 203 -38.93 -10.80 9.18
N GLN B 204 -37.93 -11.54 8.72
CA GLN B 204 -38.17 -12.86 8.15
C GLN B 204 -38.46 -13.91 9.22
N TRP B 205 -37.96 -13.74 10.43
CA TRP B 205 -38.02 -14.78 11.44
C TRP B 205 -39.17 -14.56 12.42
N VAL B 216 -34.25 -22.61 9.47
CA VAL B 216 -33.18 -22.16 10.35
C VAL B 216 -33.32 -20.67 10.64
N MET B 217 -33.07 -20.30 11.88
CA MET B 217 -33.01 -18.89 12.26
C MET B 217 -31.70 -18.29 11.76
N PRO B 218 -31.73 -17.09 11.15
CA PRO B 218 -30.47 -16.42 10.82
C PRO B 218 -29.64 -16.18 12.07
N THR B 219 -28.39 -16.65 12.04
CA THR B 219 -27.58 -16.61 13.26
C THR B 219 -27.18 -15.19 13.68
N ILE B 220 -27.27 -14.20 12.78
CA ILE B 220 -26.95 -12.83 13.20
C ILE B 220 -27.89 -12.36 14.29
N LEU B 221 -29.12 -12.89 14.32
CA LEU B 221 -30.08 -12.51 15.35
C LEU B 221 -29.70 -13.02 16.74
N LEU B 222 -28.70 -13.89 16.82
CA LEU B 222 -28.18 -14.33 18.11
C LEU B 222 -27.29 -13.29 18.79
N TYR B 223 -26.88 -12.25 18.08
CA TYR B 223 -25.88 -11.33 18.57
C TYR B 223 -26.40 -9.89 18.53
N SER B 224 -25.83 -9.05 19.39
CA SER B 224 -26.25 -7.66 19.40
C SER B 224 -25.76 -6.96 18.13
N ARG B 225 -26.45 -5.88 17.78
CA ARG B 225 -26.00 -5.04 16.68
C ARG B 225 -24.59 -4.52 16.93
N SER B 226 -24.27 -4.20 18.18
CA SER B 226 -22.91 -3.73 18.50
CA SER B 226 -22.92 -3.73 18.52
C SER B 226 -21.88 -4.83 18.31
N THR B 227 -22.20 -6.07 18.66
CA THR B 227 -21.25 -7.15 18.46
C THR B 227 -20.95 -7.34 16.98
N LEU B 228 -21.97 -7.24 16.13
CA LEU B 228 -21.76 -7.48 14.71
C LEU B 228 -20.97 -6.34 14.08
N HIS B 229 -21.29 -5.09 14.46
CA HIS B 229 -20.55 -3.95 13.94
C HIS B 229 -19.05 -4.07 14.25
N SER B 230 -18.70 -4.55 15.45
CA SER B 230 -17.29 -4.72 15.82
CA SER B 230 -17.29 -4.72 15.82
C SER B 230 -16.57 -5.68 14.87
N ILE B 231 -17.18 -6.83 14.59
CA ILE B 231 -16.57 -7.77 13.64
C ILE B 231 -16.46 -7.15 12.26
N ASN B 232 -17.50 -6.41 11.84
CA ASN B 232 -17.46 -5.70 10.56
C ASN B 232 -16.28 -4.74 10.49
N GLN B 233 -16.11 -3.92 11.53
CA GLN B 233 -15.02 -2.96 11.57
C GLN B 233 -13.67 -3.66 11.55
N ASN B 234 -13.56 -4.77 12.30
CA ASN B 234 -12.36 -5.59 12.26
C ASN B 234 -12.07 -6.08 10.84
N LEU B 235 -13.11 -6.45 10.10
CA LEU B 235 -12.90 -7.01 8.76
C LEU B 235 -12.34 -5.96 7.79
N ARG B 236 -12.63 -4.67 8.02
CA ARG B 236 -12.03 -3.63 7.20
C ARG B 236 -10.50 -3.70 7.17
N GLN B 237 -9.88 -4.19 8.25
CA GLN B 237 -8.42 -4.25 8.33
C GLN B 237 -7.81 -5.33 7.46
N TYR B 238 -8.61 -6.26 6.93
CA TYR B 238 -8.10 -7.35 6.11
C TYR B 238 -8.00 -6.96 4.63
N GLU B 239 -8.53 -5.81 4.25
CA GLU B 239 -8.59 -5.44 2.84
C GLU B 239 -7.20 -5.27 2.22
N VAL B 240 -6.22 -4.81 3.00
CA VAL B 240 -4.83 -4.77 2.51
C VAL B 240 -4.35 -6.15 2.10
N LEU B 241 -4.79 -7.18 2.82
CA LEU B 241 -4.41 -8.55 2.47
C LEU B 241 -5.16 -9.03 1.24
N TRP B 242 -6.47 -8.80 1.21
CA TRP B 242 -7.27 -9.29 0.10
C TRP B 242 -6.75 -8.74 -1.22
N ASP B 243 -6.29 -7.49 -1.21
CA ASP B 243 -5.88 -6.84 -2.46
C ASP B 243 -4.57 -7.41 -3.01
N GLN B 244 -3.89 -8.25 -2.26
CA GLN B 244 -2.69 -8.96 -2.72
C GLN B 244 -3.01 -10.25 -3.45
N ILE B 245 -4.28 -10.62 -3.50
CA ILE B 245 -4.72 -11.88 -4.09
C ILE B 245 -4.95 -11.65 -5.58
N ASP B 246 -4.39 -12.53 -6.41
CA ASP B 246 -4.48 -12.36 -7.86
C ASP B 246 -5.70 -13.05 -8.44
N CYS B 247 -6.04 -14.22 -7.94
CA CYS B 247 -7.16 -14.98 -8.47
C CYS B 247 -7.73 -15.77 -7.32
N PHE B 248 -8.87 -16.41 -7.54
CA PHE B 248 -9.64 -16.90 -6.40
C PHE B 248 -10.36 -18.19 -6.75
N VAL B 249 -10.35 -19.13 -5.81
CA VAL B 249 -11.11 -20.37 -5.90
C VAL B 249 -12.05 -20.44 -4.70
N GLN B 250 -13.35 -20.64 -4.95
CA GLN B 250 -14.33 -20.71 -3.88
C GLN B 250 -15.08 -22.03 -3.94
N ILE B 251 -15.24 -22.69 -2.79
CA ILE B 251 -16.07 -23.87 -2.67
C ILE B 251 -17.35 -23.44 -1.97
N GLN B 252 -18.48 -23.48 -2.68
CA GLN B 252 -19.74 -22.95 -2.15
C GLN B 252 -20.75 -24.08 -2.00
N PRO B 253 -21.22 -24.39 -0.80
CA PRO B 253 -22.27 -25.40 -0.66
C PRO B 253 -23.56 -24.90 -1.31
N LEU B 254 -24.35 -25.85 -1.82
CA LEU B 254 -25.67 -25.52 -2.34
C LEU B 254 -26.48 -24.76 -1.30
N ASP B 255 -26.41 -25.20 -0.05
CA ASP B 255 -27.14 -24.61 1.06
C ASP B 255 -26.16 -24.41 2.20
N LEU B 256 -26.23 -23.24 2.83
CA LEU B 256 -25.38 -22.93 3.97
C LEU B 256 -25.61 -23.88 5.14
N SER B 257 -26.73 -24.60 5.16
CA SER B 257 -26.98 -25.57 6.21
C SER B 257 -25.94 -26.68 6.23
N TYR B 258 -25.35 -26.98 5.07
CA TYR B 258 -24.34 -28.04 5.00
C TYR B 258 -23.20 -27.81 5.98
N VAL B 259 -22.90 -26.54 6.29
CA VAL B 259 -21.76 -26.24 7.15
C VAL B 259 -21.91 -26.92 8.50
N TRP B 260 -23.13 -26.90 9.05
CA TRP B 260 -23.41 -27.62 10.29
C TRP B 260 -23.23 -29.12 10.10
N THR B 261 -23.94 -29.67 9.11
CA THR B 261 -23.91 -31.12 8.85
C THR B 261 -22.49 -31.63 8.69
N TRP B 262 -21.68 -30.92 7.88
CA TRP B 262 -20.30 -31.33 7.67
C TRP B 262 -19.49 -31.25 8.97
N ARG B 263 -19.63 -30.14 9.71
CA ARG B 263 -18.83 -29.99 10.92
C ARG B 263 -19.23 -31.00 11.98
N LEU B 264 -20.51 -31.38 12.03
CA LEU B 264 -20.94 -32.45 12.91
C LEU B 264 -20.30 -33.77 12.50
N GLN B 265 -20.43 -34.13 11.21
CA GLN B 265 -19.77 -35.31 10.65
CA GLN B 265 -19.80 -35.36 10.75
C GLN B 265 -18.29 -35.34 11.04
N GLN B 266 -17.61 -34.22 10.79
CA GLN B 266 -16.17 -34.15 11.03
C GLN B 266 -15.84 -34.46 12.47
N GLU B 267 -16.66 -34.00 13.40
CA GLU B 267 -16.37 -34.24 14.81
C GLU B 267 -16.53 -35.72 15.15
N HIS B 268 -17.50 -36.38 14.53
CA HIS B 268 -17.67 -37.81 14.74
C HIS B 268 -16.52 -38.60 14.12
N ASN B 269 -16.08 -38.20 12.93
CA ASN B 269 -14.90 -38.83 12.32
C ASN B 269 -13.67 -38.64 13.21
N MET B 270 -13.52 -37.47 13.83
CA MET B 270 -12.40 -37.25 14.73
C MET B 270 -12.58 -38.02 16.03
N LYS B 271 -13.80 -38.01 16.59
CA LYS B 271 -14.03 -38.65 17.89
C LYS B 271 -13.80 -40.16 17.83
N ALA B 272 -14.00 -40.77 16.66
CA ALA B 272 -13.77 -42.21 16.53
C ALA B 272 -12.29 -42.52 16.48
N LYS B 273 -11.55 -41.85 15.58
CA LYS B 273 -10.13 -42.14 15.40
C LYS B 273 -9.29 -41.59 16.55
N ASN B 274 -9.63 -40.40 17.05
CA ASN B 274 -8.99 -39.91 18.28
C ASN B 274 -9.31 -40.85 19.43
N GLY B 275 -10.57 -41.25 19.56
CA GLY B 275 -10.98 -42.18 20.58
C GLY B 275 -10.85 -41.61 21.98
N GLY B 278 -14.01 -35.44 21.92
CA GLY B 278 -14.37 -34.24 21.19
C GLY B 278 -15.64 -33.55 21.67
N MET B 279 -16.10 -32.56 20.90
CA MET B 279 -17.25 -31.76 21.29
C MET B 279 -18.54 -32.58 21.25
N THR B 280 -19.51 -32.17 22.07
CA THR B 280 -20.88 -32.64 21.92
C THR B 280 -21.41 -32.27 20.54
N ASP B 281 -22.47 -32.96 20.14
CA ASP B 281 -23.28 -32.42 19.05
C ASP B 281 -23.74 -31.01 19.39
N GLU B 282 -24.11 -30.78 20.66
CA GLU B 282 -24.57 -29.47 21.10
C GLU B 282 -23.45 -28.44 21.07
N GLN B 283 -22.24 -28.83 21.47
CA GLN B 283 -21.13 -27.88 21.44
C GLN B 283 -20.69 -27.57 20.01
N VAL B 284 -20.89 -28.52 19.09
CA VAL B 284 -20.55 -28.25 17.70
C VAL B 284 -21.50 -27.20 17.13
N ARG B 285 -22.77 -27.26 17.53
CA ARG B 285 -23.75 -26.26 17.12
C ARG B 285 -23.35 -24.86 17.59
N HIS B 286 -22.99 -24.72 18.87
CA HIS B 286 -22.51 -23.43 19.37
C HIS B 286 -21.25 -22.98 18.64
N PHE B 287 -20.30 -23.89 18.46
CA PHE B 287 -19.08 -23.57 17.73
C PHE B 287 -19.40 -22.93 16.38
N ILE B 288 -20.28 -23.58 15.61
CA ILE B 288 -20.56 -23.12 14.25
C ILE B 288 -21.38 -21.83 14.29
N ASN B 289 -22.18 -21.62 15.34
CA ASN B 289 -22.94 -20.38 15.46
C ASN B 289 -22.03 -19.18 15.63
N ARG B 290 -20.78 -19.38 16.06
CA ARG B 290 -19.83 -18.27 16.08
C ARG B 290 -19.29 -17.90 14.70
N TYR B 291 -19.32 -18.82 13.73
CA TYR B 291 -18.83 -18.54 12.39
C TYR B 291 -19.96 -18.12 11.43
N MET B 292 -21.14 -18.71 11.55
CA MET B 292 -22.21 -18.45 10.59
C MET B 292 -22.58 -16.97 10.42
N PRO B 293 -22.56 -16.10 11.44
CA PRO B 293 -22.90 -14.70 11.17
C PRO B 293 -21.95 -14.06 10.18
N SER B 294 -20.70 -14.50 10.15
CA SER B 294 -19.74 -13.95 9.20
C SER B 294 -20.06 -14.41 7.77
N TYR B 295 -20.45 -15.68 7.62
CA TYR B 295 -20.94 -16.15 6.32
C TYR B 295 -22.16 -15.36 5.89
N GLU B 296 -23.08 -15.10 6.82
CA GLU B 296 -24.34 -14.44 6.47
C GLU B 296 -24.11 -13.01 6.01
N LEU B 297 -23.25 -12.25 6.70
CA LEU B 297 -23.03 -10.84 6.45
C LEU B 297 -21.99 -10.52 5.38
N PHE B 298 -20.88 -11.29 5.32
CA PHE B 298 -19.69 -10.84 4.60
C PHE B 298 -19.28 -11.73 3.45
N GLN B 299 -19.88 -12.91 3.29
CA GLN B 299 -19.42 -13.83 2.26
C GLN B 299 -19.63 -13.29 0.86
N ASP B 300 -20.66 -12.46 0.65
CA ASP B 300 -20.92 -11.94 -0.69
C ASP B 300 -19.82 -10.99 -1.16
N GLY B 301 -19.01 -10.45 -0.24
CA GLY B 301 -17.88 -9.62 -0.60
C GLY B 301 -16.84 -10.31 -1.47
N ILE B 302 -16.82 -11.64 -1.49
CA ILE B 302 -15.92 -12.37 -2.39
C ILE B 302 -16.24 -12.09 -3.86
N ASP B 303 -17.47 -11.69 -4.15
CA ASP B 303 -17.99 -11.62 -5.52
C ASP B 303 -18.55 -10.20 -5.75
N LYS B 304 -17.67 -9.24 -6.01
CA LYS B 304 -18.10 -7.87 -6.25
C LYS B 304 -17.08 -7.15 -7.12
N GLU B 305 -17.52 -6.05 -7.73
CA GLU B 305 -16.78 -5.43 -8.83
C GLU B 305 -15.39 -4.96 -8.39
N THR B 306 -15.20 -4.63 -7.12
CA THR B 306 -13.97 -3.97 -6.71
C THR B 306 -12.84 -4.91 -6.30
N THR B 307 -13.02 -6.23 -6.30
CA THR B 307 -11.95 -7.06 -5.77
C THR B 307 -10.79 -7.16 -6.74
N SER B 308 -9.63 -7.53 -6.20
CA SER B 308 -8.45 -7.67 -7.06
C SER B 308 -8.55 -8.91 -7.96
N TRP B 309 -9.41 -9.87 -7.63
CA TRP B 309 -9.57 -11.08 -8.43
C TRP B 309 -10.83 -11.07 -9.30
N ARG B 310 -11.52 -9.93 -9.39
CA ARG B 310 -12.73 -9.84 -10.21
C ARG B 310 -12.43 -10.30 -11.64
N GLY B 311 -13.22 -11.25 -12.14
CA GLY B 311 -12.98 -11.82 -13.45
C GLY B 311 -11.96 -12.95 -13.45
N LYS B 312 -11.39 -13.26 -12.29
CA LYS B 312 -10.36 -14.28 -12.15
CA LYS B 312 -10.38 -14.30 -12.16
C LYS B 312 -10.75 -15.25 -11.04
N GLY B 313 -12.03 -15.60 -10.95
CA GLY B 313 -12.51 -16.48 -9.91
C GLY B 313 -13.11 -17.73 -10.52
N LEU B 314 -12.98 -18.83 -9.80
CA LEU B 314 -13.60 -20.09 -10.17
C LEU B 314 -14.37 -20.56 -8.95
N ARG B 315 -15.64 -20.90 -9.13
CA ARG B 315 -16.48 -21.33 -8.01
C ARG B 315 -16.96 -22.74 -8.28
N PHE B 316 -16.79 -23.62 -7.29
CA PHE B 316 -17.42 -24.93 -7.31
C PHE B 316 -18.65 -24.89 -6.41
N ILE B 317 -19.78 -25.31 -6.93
CA ILE B 317 -20.99 -25.49 -6.14
C ILE B 317 -21.10 -26.98 -5.84
N VAL B 318 -21.22 -27.34 -4.56
CA VAL B 318 -21.16 -28.74 -4.15
C VAL B 318 -22.41 -29.13 -3.37
N ASN B 319 -22.79 -30.40 -3.48
CA ASN B 319 -23.90 -30.96 -2.73
C ASN B 319 -23.41 -31.42 -1.34
N ILE B 320 -24.28 -32.08 -0.58
CA ILE B 320 -23.92 -32.48 0.78
C ILE B 320 -22.83 -33.55 0.76
N LYS B 321 -22.77 -34.37 -0.28
CA LYS B 321 -21.74 -35.36 -0.48
C LYS B 321 -20.46 -34.78 -1.05
N ARG B 322 -20.38 -33.45 -1.15
CA ARG B 322 -19.21 -32.71 -1.60
C ARG B 322 -18.87 -32.97 -3.06
N GLU B 323 -19.80 -33.52 -3.83
CA GLU B 323 -19.61 -33.67 -5.26
C GLU B 323 -19.94 -32.34 -5.95
N ILE B 324 -19.20 -32.05 -7.02
CA ILE B 324 -19.45 -30.83 -7.79
C ILE B 324 -20.77 -30.98 -8.54
N VAL B 325 -21.72 -30.09 -8.26
CA VAL B 325 -22.95 -30.05 -9.04
C VAL B 325 -22.97 -28.88 -10.01
N GLY B 326 -21.96 -28.02 -9.99
CA GLY B 326 -21.89 -26.94 -10.94
C GLY B 326 -20.69 -26.08 -10.67
N THR B 327 -20.28 -25.33 -11.69
CA THR B 327 -19.17 -24.41 -11.59
C THR B 327 -19.59 -23.08 -12.20
N GLU B 328 -19.00 -22.00 -11.69
CA GLU B 328 -19.30 -20.65 -12.15
C GLU B 328 -17.99 -19.91 -12.20
N SER B 329 -17.89 -18.93 -13.10
CA SER B 329 -16.74 -18.03 -13.05
C SER B 329 -17.20 -16.70 -12.46
N PHE B 330 -16.32 -16.02 -11.71
CA PHE B 330 -16.59 -14.65 -11.15
C PHE B 330 -15.29 -13.86 -11.27
C1 EDO C . 21.88 14.09 -1.53
O1 EDO C . 21.43 13.51 -0.29
C2 EDO C . 21.03 15.31 -1.86
O2 EDO C . 19.66 14.88 -2.02
C1 EDO D . 7.87 11.34 -7.41
O1 EDO D . 6.67 11.17 -6.64
C2 EDO D . 9.02 11.80 -6.52
O2 EDO D . 9.11 13.23 -6.52
C1 EDO E . 10.00 -14.53 6.43
O1 EDO E . 10.68 -15.12 7.55
C2 EDO E . 8.54 -14.23 6.76
O2 EDO E . 8.48 -13.16 7.70
C1 EDO F . 2.17 -22.63 7.43
O1 EDO F . 1.74 -23.23 8.66
C2 EDO F . 1.33 -21.40 7.13
O2 EDO F . -0.05 -21.80 7.08
C1 EDO G . -10.45 -24.44 1.96
O1 EDO G . -11.55 -25.35 2.08
C2 EDO G . -10.82 -23.12 2.61
O2 EDO G . -9.87 -22.79 3.63
#